data_6QB1
#
_entry.id   6QB1
#
_entity_poly.entity_id   1
_entity_poly.type   'polypeptide(L)'
_entity_poly.pdbx_seq_one_letter_code
;LGQQQPAPPQQPY
;
_entity_poly.pdbx_strand_id   A
#
# COMPACT_ATOMS: atom_id res chain seq x y z
N LEU A 1 -10.99 6.94 -1.19
CA LEU A 1 -11.05 8.20 -0.46
C LEU A 1 -11.30 7.96 1.02
N GLY A 2 -11.07 8.99 1.83
CA GLY A 2 -11.27 8.88 3.27
C GLY A 2 -9.98 8.78 4.04
N GLN A 3 -9.50 7.55 4.24
CA GLN A 3 -8.26 7.33 4.97
C GLN A 3 -7.37 6.32 4.24
N GLN A 4 -7.49 6.30 2.92
CA GLN A 4 -6.70 5.39 2.10
C GLN A 4 -5.50 6.10 1.49
N GLN A 5 -4.40 5.37 1.30
CA GLN A 5 -3.19 5.94 0.73
C GLN A 5 -2.46 4.91 -0.12
N PRO A 6 -1.63 5.40 -1.05
CA PRO A 6 -0.86 4.54 -1.95
C PRO A 6 0.25 3.78 -1.22
N ALA A 7 -0.11 2.64 -0.64
CA ALA A 7 0.85 1.84 0.10
C ALA A 7 1.95 1.32 -0.83
N PRO A 8 3.08 0.92 -0.23
CA PRO A 8 4.23 0.40 -0.98
C PRO A 8 3.95 -0.96 -1.60
N PRO A 9 4.84 -1.39 -2.51
CA PRO A 9 4.71 -2.68 -3.20
C PRO A 9 4.95 -3.86 -2.26
N GLN A 10 4.19 -4.93 -2.45
CA GLN A 10 4.32 -6.11 -1.62
C GLN A 10 4.93 -7.26 -2.41
N GLN A 11 6.16 -7.63 -2.07
CA GLN A 11 6.86 -8.71 -2.75
C GLN A 11 7.65 -9.55 -1.76
N PRO A 12 6.93 -10.36 -0.96
CA PRO A 12 7.54 -11.23 0.05
C PRO A 12 8.31 -12.39 -0.58
N TYR A 13 9.51 -12.64 -0.07
CA TYR A 13 10.35 -13.72 -0.59
C TYR A 13 9.94 -15.05 0.02
N LEU A 1 -15.23 8.49 0.70
CA LEU A 1 -13.97 9.03 1.19
C LEU A 1 -13.17 7.97 1.94
N GLY A 2 -11.86 7.98 1.75
CA GLY A 2 -11.00 7.01 2.42
C GLY A 2 -9.56 7.12 1.99
N GLN A 3 -8.65 7.12 2.95
CA GLN A 3 -7.22 7.22 2.67
C GLN A 3 -6.53 5.88 2.86
N GLN A 4 -7.20 4.81 2.44
CA GLN A 4 -6.65 3.47 2.57
C GLN A 4 -5.79 3.11 1.36
N GLN A 5 -4.77 3.93 1.10
CA GLN A 5 -3.88 3.71 -0.03
C GLN A 5 -2.41 3.83 0.40
N PRO A 6 -1.95 2.85 1.20
CA PRO A 6 -0.57 2.84 1.69
C PRO A 6 0.44 2.56 0.58
N ALA A 7 1.71 2.82 0.86
CA ALA A 7 2.78 2.59 -0.11
C ALA A 7 3.86 1.69 0.47
N PRO A 8 3.53 0.40 0.63
CA PRO A 8 4.46 -0.60 1.16
C PRO A 8 5.59 -0.91 0.20
N PRO A 9 6.63 -1.60 0.70
CA PRO A 9 7.79 -1.99 -0.11
C PRO A 9 7.46 -3.06 -1.15
N GLN A 10 8.04 -2.91 -2.33
CA GLN A 10 7.80 -3.86 -3.42
C GLN A 10 8.25 -5.26 -3.02
N GLN A 11 7.63 -6.27 -3.62
CA GLN A 11 7.97 -7.66 -3.34
C GLN A 11 7.87 -7.94 -1.84
N PRO A 12 6.63 -7.94 -1.31
CA PRO A 12 6.38 -8.19 0.11
C PRO A 12 6.64 -9.64 0.49
N TYR A 13 7.89 -9.94 0.84
CA TYR A 13 8.27 -11.29 1.24
C TYR A 13 8.56 -11.37 2.72
N LEU A 1 -12.58 11.35 6.81
CA LEU A 1 -12.90 10.78 5.51
C LEU A 1 -11.71 10.89 4.56
N GLY A 2 -11.75 10.11 3.48
CA GLY A 2 -10.66 10.14 2.51
C GLY A 2 -9.42 9.47 3.02
N GLN A 3 -9.31 8.16 2.79
CA GLN A 3 -8.16 7.39 3.23
C GLN A 3 -8.05 6.08 2.46
N GLN A 4 -7.33 6.11 1.35
CA GLN A 4 -7.15 4.93 0.52
C GLN A 4 -5.93 5.09 -0.41
N GLN A 5 -4.99 4.16 -0.30
CA GLN A 5 -3.79 4.20 -1.12
C GLN A 5 -3.16 2.83 -1.22
N PRO A 6 -3.79 1.93 -2.01
CA PRO A 6 -3.31 0.57 -2.21
C PRO A 6 -2.03 0.51 -3.03
N ALA A 7 -0.91 0.31 -2.36
CA ALA A 7 0.39 0.24 -3.03
C ALA A 7 1.49 -0.16 -2.06
N PRO A 8 1.48 -1.44 -1.64
CA PRO A 8 2.47 -1.97 -0.71
C PRO A 8 3.85 -2.10 -1.34
N PRO A 9 4.87 -2.34 -0.50
CA PRO A 9 6.25 -2.48 -0.96
C PRO A 9 6.48 -3.77 -1.74
N GLN A 10 6.74 -3.63 -3.04
CA GLN A 10 6.97 -4.78 -3.90
C GLN A 10 8.30 -5.44 -3.57
N GLN A 11 8.28 -6.38 -2.63
CA GLN A 11 9.49 -7.10 -2.22
C GLN A 11 9.14 -8.34 -1.43
N PRO A 12 8.59 -9.36 -2.10
CA PRO A 12 8.21 -10.63 -1.47
C PRO A 12 9.42 -11.44 -1.03
N TYR A 13 9.88 -11.19 0.18
CA TYR A 13 11.03 -11.90 0.73
C TYR A 13 12.22 -11.82 -0.22
N LEU A 1 -13.64 4.18 1.16
CA LEU A 1 -12.42 4.91 0.85
C LEU A 1 -12.40 6.26 1.59
N GLY A 2 -11.37 7.05 1.31
CA GLY A 2 -11.26 8.35 1.95
C GLY A 2 -10.28 8.34 3.11
N GLN A 3 -9.20 9.11 2.97
CA GLN A 3 -8.19 9.19 4.01
C GLN A 3 -7.53 7.83 4.24
N GLN A 4 -7.11 7.19 3.16
CA GLN A 4 -6.47 5.89 3.24
C GLN A 4 -5.61 5.61 2.01
N GLN A 5 -4.40 6.18 2.00
CA GLN A 5 -3.49 6.00 0.87
C GLN A 5 -2.09 5.67 1.37
N PRO A 6 -1.94 4.47 1.94
CA PRO A 6 -0.65 4.00 2.47
C PRO A 6 0.35 3.71 1.36
N ALA A 7 1.52 3.19 1.74
CA ALA A 7 2.58 2.87 0.78
C ALA A 7 3.23 1.53 1.11
N PRO A 8 2.49 0.44 0.87
CA PRO A 8 2.98 -0.92 1.14
C PRO A 8 4.08 -1.33 0.18
N PRO A 9 4.76 -2.45 0.50
CA PRO A 9 5.86 -2.97 -0.33
C PRO A 9 5.36 -3.54 -1.65
N GLN A 10 6.29 -4.10 -2.44
CA GLN A 10 5.93 -4.68 -3.73
C GLN A 10 6.45 -6.11 -3.84
N GLN A 11 5.69 -7.05 -3.28
CA GLN A 11 6.08 -8.46 -3.32
C GLN A 11 7.41 -8.68 -2.63
N PRO A 12 7.42 -8.52 -1.29
CA PRO A 12 8.62 -8.70 -0.47
C PRO A 12 9.07 -10.16 -0.41
N TYR A 13 10.15 -10.41 0.32
CA TYR A 13 10.67 -11.76 0.46
C TYR A 13 11.10 -12.02 1.91
N LEU A 1 -12.67 4.50 5.53
CA LEU A 1 -12.01 4.69 4.25
C LEU A 1 -12.33 6.06 3.66
N GLY A 2 -11.33 6.72 3.08
CA GLY A 2 -11.54 8.02 2.49
C GLY A 2 -10.73 8.23 1.23
N GLN A 3 -9.55 8.81 1.37
CA GLN A 3 -8.67 9.06 0.24
C GLN A 3 -7.23 8.71 0.57
N GLN A 4 -7.05 7.78 1.50
CA GLN A 4 -5.71 7.36 1.91
C GLN A 4 -4.96 6.73 0.74
N GLN A 5 -3.63 6.76 0.81
CA GLN A 5 -2.80 6.20 -0.24
C GLN A 5 -1.53 5.59 0.34
N PRO A 6 -1.67 4.44 1.02
CA PRO A 6 -0.55 3.73 1.64
C PRO A 6 0.38 3.11 0.60
N ALA A 7 1.68 3.33 0.79
CA ALA A 7 2.68 2.79 -0.13
C ALA A 7 3.69 1.92 0.61
N PRO A 8 3.23 0.76 1.10
CA PRO A 8 4.09 -0.18 1.84
C PRO A 8 5.11 -0.86 0.94
N PRO A 9 6.09 -1.54 1.55
CA PRO A 9 7.14 -2.24 0.82
C PRO A 9 6.63 -3.46 0.09
N GLN A 10 6.19 -3.26 -1.15
CA GLN A 10 5.67 -4.36 -1.96
C GLN A 10 6.78 -5.31 -2.38
N GLN A 11 6.87 -6.46 -1.71
CA GLN A 11 7.89 -7.44 -2.02
C GLN A 11 7.35 -8.86 -1.84
N PRO A 12 6.50 -9.28 -2.78
CA PRO A 12 5.90 -10.62 -2.75
C PRO A 12 6.91 -11.72 -3.04
N TYR A 13 7.00 -12.70 -2.13
CA TYR A 13 7.93 -13.80 -2.28
C TYR A 13 7.22 -15.05 -2.78
N LEU A 1 -11.03 2.41 -1.48
CA LEU A 1 -11.32 3.77 -1.04
C LEU A 1 -10.45 4.15 0.16
N GLY A 2 -10.11 5.43 0.25
CA GLY A 2 -9.28 5.90 1.35
C GLY A 2 -7.80 5.86 1.02
N GLN A 3 -7.17 7.03 1.00
CA GLN A 3 -5.74 7.12 0.68
C GLN A 3 -4.93 7.33 1.95
N GLN A 4 -5.10 6.44 2.93
CA GLN A 4 -4.38 6.54 4.19
C GLN A 4 -3.07 5.78 4.12
N GLN A 5 -1.97 6.51 3.96
CA GLN A 5 -0.65 5.90 3.88
C GLN A 5 -0.63 4.78 2.83
N PRO A 6 -0.72 5.17 1.56
CA PRO A 6 -0.72 4.21 0.44
C PRO A 6 0.65 3.56 0.24
N ALA A 7 0.89 2.47 0.96
CA ALA A 7 2.15 1.75 0.86
C ALA A 7 1.96 0.27 1.13
N PRO A 8 1.33 -0.43 0.18
CA PRO A 8 1.08 -1.87 0.30
C PRO A 8 2.35 -2.70 0.20
N PRO A 9 2.25 -4.00 0.55
CA PRO A 9 3.39 -4.92 0.50
C PRO A 9 3.82 -5.24 -0.93
N GLN A 10 4.57 -4.32 -1.53
CA GLN A 10 5.05 -4.50 -2.89
C GLN A 10 6.26 -5.43 -2.93
N GLN A 11 6.44 -6.12 -4.05
CA GLN A 11 7.55 -7.05 -4.20
C GLN A 11 7.57 -8.08 -3.08
N PRO A 12 6.58 -8.98 -3.09
CA PRO A 12 6.45 -10.03 -2.08
C PRO A 12 7.54 -11.09 -2.21
N TYR A 13 7.44 -12.14 -1.41
CA TYR A 13 8.42 -13.22 -1.44
C TYR A 13 7.85 -14.45 -2.14
N LEU A 1 -4.66 6.68 8.41
CA LEU A 1 -5.24 5.61 7.61
C LEU A 1 -4.98 5.82 6.13
N GLY A 2 -5.60 4.99 5.30
CA GLY A 2 -5.41 5.10 3.86
C GLY A 2 -6.49 4.37 3.08
N GLN A 3 -7.29 5.12 2.33
CA GLN A 3 -8.36 4.55 1.53
C GLN A 3 -8.47 5.24 0.18
N GLN A 4 -7.47 5.04 -0.67
CA GLN A 4 -7.45 5.65 -1.99
C GLN A 4 -6.36 5.04 -2.86
N GLN A 5 -6.31 3.71 -2.87
CA GLN A 5 -5.32 2.99 -3.67
C GLN A 5 -3.91 3.52 -3.38
N PRO A 6 -3.42 3.24 -2.16
CA PRO A 6 -2.09 3.67 -1.73
C PRO A 6 -0.97 2.92 -2.47
N ALA A 7 0.27 3.25 -2.14
CA ALA A 7 1.42 2.61 -2.76
C ALA A 7 2.53 2.35 -1.75
N PRO A 8 2.31 1.37 -0.87
CA PRO A 8 3.28 1.01 0.17
C PRO A 8 4.52 0.35 -0.41
N PRO A 9 5.56 0.21 0.43
CA PRO A 9 6.83 -0.39 0.02
C PRO A 9 6.70 -1.90 -0.21
N GLN A 10 7.14 -2.35 -1.38
CA GLN A 10 7.07 -3.77 -1.73
C GLN A 10 8.04 -4.59 -0.87
N GLN A 11 7.54 -5.68 -0.31
CA GLN A 11 8.36 -6.55 0.53
C GLN A 11 8.59 -7.89 -0.15
N PRO A 12 9.63 -8.62 0.30
CA PRO A 12 9.98 -9.93 -0.24
C PRO A 12 8.95 -11.00 0.13
N TYR A 13 8.76 -11.96 -0.77
CA TYR A 13 7.80 -13.04 -0.55
C TYR A 13 8.52 -14.30 -0.06
N LEU A 1 -5.91 4.07 7.70
CA LEU A 1 -5.31 4.06 6.37
C LEU A 1 -5.22 2.64 5.83
N GLY A 2 -4.73 2.52 4.60
CA GLY A 2 -4.59 1.21 3.98
C GLY A 2 -5.85 0.78 3.24
N GLN A 3 -6.29 1.60 2.30
CA GLN A 3 -7.49 1.29 1.53
C GLN A 3 -7.51 2.07 0.21
N GLN A 4 -6.87 1.52 -0.80
CA GLN A 4 -6.80 2.16 -2.11
C GLN A 4 -6.20 3.56 -2.00
N GLN A 5 -4.88 3.65 -2.11
CA GLN A 5 -4.19 4.92 -2.02
C GLN A 5 -3.22 5.10 -3.19
N PRO A 6 -2.84 6.36 -3.45
CA PRO A 6 -1.90 6.69 -4.53
C PRO A 6 -0.49 6.21 -4.26
N ALA A 7 0.03 5.36 -5.13
CA ALA A 7 1.38 4.82 -4.98
C ALA A 7 1.56 4.18 -3.61
N PRO A 8 0.95 3.01 -3.42
CA PRO A 8 1.02 2.27 -2.15
C PRO A 8 2.41 1.68 -1.91
N PRO A 9 2.65 1.22 -0.67
CA PRO A 9 3.94 0.64 -0.28
C PRO A 9 4.19 -0.71 -0.94
N GLN A 10 5.37 -1.27 -0.72
CA GLN A 10 5.73 -2.56 -1.30
C GLN A 10 5.78 -3.64 -0.23
N GLN A 11 5.31 -4.83 -0.57
CA GLN A 11 5.30 -5.94 0.36
C GLN A 11 5.58 -7.27 -0.36
N PRO A 12 6.83 -7.43 -0.83
CA PRO A 12 7.25 -8.64 -1.54
C PRO A 12 7.33 -9.86 -0.62
N TYR A 13 7.85 -10.96 -1.16
CA TYR A 13 7.98 -12.19 -0.39
C TYR A 13 8.94 -13.16 -1.06
N LEU A 1 -7.56 2.79 8.92
CA LEU A 1 -7.79 2.54 7.50
C LEU A 1 -6.78 3.30 6.65
N GLY A 2 -6.92 3.19 5.33
CA GLY A 2 -6.01 3.87 4.42
C GLY A 2 -6.45 3.75 2.97
N GLN A 3 -7.55 4.41 2.62
CA GLN A 3 -8.07 4.37 1.26
C GLN A 3 -7.70 5.65 0.50
N GLN A 4 -6.39 5.89 0.37
CA GLN A 4 -5.91 7.08 -0.33
C GLN A 4 -4.53 6.83 -0.93
N GLN A 5 -4.44 6.89 -2.25
CA GLN A 5 -3.17 6.67 -2.94
C GLN A 5 -2.55 5.34 -2.53
N PRO A 6 -3.13 4.24 -3.02
CA PRO A 6 -2.66 2.89 -2.72
C PRO A 6 -1.32 2.59 -3.38
N ALA A 7 -0.30 2.32 -2.57
CA ALA A 7 1.03 2.02 -3.08
C ALA A 7 1.89 1.39 -1.99
N PRO A 8 1.54 0.15 -1.60
CA PRO A 8 2.27 -0.58 -0.56
C PRO A 8 3.65 -1.03 -1.04
N PRO A 9 4.49 -1.48 -0.09
CA PRO A 9 5.85 -1.94 -0.38
C PRO A 9 5.86 -3.25 -1.16
N GLN A 10 6.37 -3.21 -2.39
CA GLN A 10 6.44 -4.40 -3.23
C GLN A 10 7.61 -5.29 -2.83
N GLN A 11 7.31 -6.38 -2.12
CA GLN A 11 8.34 -7.31 -1.67
C GLN A 11 7.73 -8.66 -1.32
N PRO A 12 8.58 -9.70 -1.28
CA PRO A 12 8.15 -11.06 -0.96
C PRO A 12 7.75 -11.22 0.50
N TYR A 13 7.15 -12.35 0.83
CA TYR A 13 6.71 -12.62 2.20
C TYR A 13 7.26 -13.95 2.69
N LEU A 1 -8.02 -0.23 4.13
CA LEU A 1 -7.53 0.82 3.24
C LEU A 1 -8.61 1.26 2.26
N GLY A 2 -8.39 2.37 1.59
CA GLY A 2 -9.35 2.88 0.63
C GLY A 2 -8.85 4.11 -0.11
N GLN A 3 -8.70 5.21 0.62
CA GLN A 3 -8.23 6.46 0.02
C GLN A 3 -7.42 7.27 1.03
N GLN A 4 -6.51 6.61 1.72
CA GLN A 4 -5.67 7.27 2.72
C GLN A 4 -4.30 6.61 2.81
N GLN A 5 -3.86 6.03 1.70
CA GLN A 5 -2.56 5.36 1.65
C GLN A 5 -2.00 5.36 0.24
N PRO A 6 -1.59 6.55 -0.24
CA PRO A 6 -1.04 6.71 -1.58
C PRO A 6 0.34 6.07 -1.71
N ALA A 7 0.51 5.25 -2.74
CA ALA A 7 1.79 4.58 -2.98
C ALA A 7 2.19 3.72 -1.79
N PRO A 8 1.48 2.59 -1.59
CA PRO A 8 1.75 1.66 -0.50
C PRO A 8 3.07 0.92 -0.66
N PRO A 9 3.51 0.25 0.41
CA PRO A 9 4.76 -0.51 0.39
C PRO A 9 4.67 -1.76 -0.47
N GLN A 10 5.78 -2.50 -0.56
CA GLN A 10 5.83 -3.71 -1.36
C GLN A 10 6.26 -4.90 -0.51
N GLN A 11 6.27 -6.09 -1.13
CA GLN A 11 6.66 -7.30 -0.42
C GLN A 11 7.42 -8.25 -1.35
N PRO A 12 8.17 -9.19 -0.75
CA PRO A 12 8.96 -10.16 -1.51
C PRO A 12 8.08 -11.19 -2.24
N TYR A 13 8.45 -11.50 -3.47
CA TYR A 13 7.69 -12.46 -4.27
C TYR A 13 8.55 -13.03 -5.39
N LEU A 1 -9.68 -0.87 1.77
CA LEU A 1 -9.25 0.51 1.59
C LEU A 1 -9.76 1.38 2.74
N GLY A 2 -8.84 2.11 3.38
CA GLY A 2 -9.21 2.97 4.48
C GLY A 2 -8.20 4.07 4.73
N GLN A 3 -8.20 5.07 3.85
CA GLN A 3 -7.27 6.19 3.98
C GLN A 3 -5.83 5.71 3.94
N GLN A 4 -5.48 4.98 2.88
CA GLN A 4 -4.13 4.46 2.73
C GLN A 4 -3.20 5.52 2.15
N GLN A 5 -1.97 5.56 2.67
CA GLN A 5 -0.99 6.53 2.21
C GLN A 5 -0.53 6.22 0.78
N PRO A 6 0.04 7.23 0.12
CA PRO A 6 0.53 7.10 -1.26
C PRO A 6 1.76 6.20 -1.36
N ALA A 7 1.97 5.61 -2.53
CA ALA A 7 3.12 4.74 -2.75
C ALA A 7 3.10 3.56 -1.78
N PRO A 8 2.13 2.66 -1.96
CA PRO A 8 1.99 1.48 -1.10
C PRO A 8 3.10 0.46 -1.32
N PRO A 9 3.20 -0.52 -0.42
CA PRO A 9 4.21 -1.58 -0.49
C PRO A 9 3.98 -2.53 -1.65
N GLN A 10 5.05 -3.18 -2.11
CA GLN A 10 4.96 -4.12 -3.22
C GLN A 10 5.33 -5.53 -2.77
N GLN A 11 4.61 -6.52 -3.28
CA GLN A 11 4.87 -7.91 -2.94
C GLN A 11 4.81 -8.11 -1.43
N PRO A 12 3.58 -8.07 -0.87
CA PRO A 12 3.36 -8.25 0.57
C PRO A 12 3.64 -9.67 1.03
N TYR A 13 4.89 -9.95 1.38
CA TYR A 13 5.27 -11.27 1.84
C TYR A 13 4.59 -11.63 3.15
N LEU A 1 -14.19 3.09 4.00
CA LEU A 1 -12.83 3.50 3.62
C LEU A 1 -12.17 4.29 4.74
N GLY A 2 -10.84 4.40 4.68
CA GLY A 2 -10.12 5.14 5.70
C GLY A 2 -9.14 6.12 5.10
N GLN A 3 -7.85 5.92 5.39
CA GLN A 3 -6.81 6.80 4.87
C GLN A 3 -5.59 5.99 4.45
N GLN A 4 -5.58 5.55 3.19
CA GLN A 4 -4.46 4.78 2.66
C GLN A 4 -4.22 5.11 1.19
N GLN A 5 -3.29 6.04 0.94
CA GLN A 5 -2.96 6.44 -0.41
C GLN A 5 -2.49 5.26 -1.24
N PRO A 6 -2.54 5.40 -2.57
CA PRO A 6 -2.12 4.35 -3.50
C PRO A 6 -0.60 4.13 -3.49
N ALA A 7 -0.13 3.30 -2.56
CA ALA A 7 1.29 3.00 -2.44
C ALA A 7 1.52 1.68 -1.74
N PRO A 8 1.24 0.57 -2.44
CA PRO A 8 1.41 -0.78 -1.90
C PRO A 8 2.87 -1.15 -1.71
N PRO A 9 3.12 -2.25 -0.99
CA PRO A 9 4.48 -2.74 -0.73
C PRO A 9 5.15 -3.29 -1.99
N GLN A 10 6.45 -3.60 -1.86
CA GLN A 10 7.20 -4.13 -2.99
C GLN A 10 7.83 -5.48 -2.64
N GLN A 11 7.53 -6.50 -3.45
CA GLN A 11 8.06 -7.83 -3.22
C GLN A 11 7.74 -8.31 -1.81
N PRO A 12 6.45 -8.56 -1.55
CA PRO A 12 5.98 -9.02 -0.24
C PRO A 12 6.41 -10.45 0.05
N TYR A 13 6.46 -10.80 1.33
CA TYR A 13 6.86 -12.15 1.74
C TYR A 13 5.66 -13.09 1.78
N LEU A 1 -10.36 12.45 1.84
CA LEU A 1 -9.22 11.70 1.31
C LEU A 1 -9.59 10.24 1.08
N GLY A 2 -9.43 9.79 -0.17
CA GLY A 2 -9.75 8.42 -0.51
C GLY A 2 -8.86 7.43 0.21
N GLN A 3 -7.55 7.64 0.13
CA GLN A 3 -6.58 6.76 0.78
C GLN A 3 -6.82 5.31 0.39
N GLN A 4 -7.32 5.11 -0.82
CA GLN A 4 -7.60 3.76 -1.32
C GLN A 4 -6.35 2.89 -1.24
N GLN A 5 -6.54 1.64 -0.81
CA GLN A 5 -5.42 0.70 -0.69
C GLN A 5 -4.38 1.22 0.30
N PRO A 6 -4.75 1.23 1.60
CA PRO A 6 -3.86 1.69 2.66
C PRO A 6 -2.69 0.74 2.90
N ALA A 7 -1.87 1.05 3.89
CA ALA A 7 -0.71 0.22 4.22
C ALA A 7 0.29 0.20 3.07
N PRO A 8 1.54 -0.16 3.39
CA PRO A 8 2.61 -0.24 2.39
C PRO A 8 2.42 -1.38 1.41
N PRO A 9 3.20 -1.37 0.32
CA PRO A 9 3.14 -2.41 -0.72
C PRO A 9 3.66 -3.75 -0.22
N GLN A 10 3.47 -4.79 -1.04
CA GLN A 10 3.92 -6.13 -0.69
C GLN A 10 5.13 -6.54 -1.53
N GLN A 11 6.31 -6.12 -1.10
CA GLN A 11 7.55 -6.43 -1.82
C GLN A 11 8.68 -6.73 -0.84
N PRO A 12 8.57 -7.86 -0.14
CA PRO A 12 9.58 -8.28 0.84
C PRO A 12 10.89 -8.70 0.17
N TYR A 13 11.73 -7.74 -0.13
CA TYR A 13 13.01 -8.01 -0.76
C TYR A 13 14.17 -7.74 0.20
N LEU A 1 -11.50 -0.74 -0.29
CA LEU A 1 -11.30 0.66 0.03
C LEU A 1 -9.83 0.98 0.21
N GLY A 2 -9.45 2.24 -0.03
CA GLY A 2 -8.07 2.64 0.11
C GLY A 2 -7.81 4.02 -0.48
N GLN A 3 -7.45 4.97 0.37
CA GLN A 3 -7.16 6.33 -0.08
C GLN A 3 -6.46 7.13 1.02
N GLN A 4 -5.46 6.50 1.64
CA GLN A 4 -4.70 7.16 2.71
C GLN A 4 -3.25 6.70 2.70
N GLN A 5 -2.34 7.64 2.51
CA GLN A 5 -0.92 7.34 2.49
C GLN A 5 -0.59 6.37 1.35
N PRO A 6 -0.66 6.86 0.11
CA PRO A 6 -0.38 6.07 -1.08
C PRO A 6 1.10 5.71 -1.21
N ALA A 7 1.49 4.59 -0.61
CA ALA A 7 2.88 4.14 -0.66
C ALA A 7 3.05 2.96 -1.61
N PRO A 8 4.28 2.73 -2.05
CA PRO A 8 4.61 1.63 -2.97
C PRO A 8 4.47 0.26 -2.30
N PRO A 9 4.50 -0.80 -3.13
CA PRO A 9 4.38 -2.18 -2.64
C PRO A 9 5.62 -2.62 -1.86
N GLN A 10 5.40 -3.40 -0.80
CA GLN A 10 6.50 -3.90 0.02
C GLN A 10 6.73 -5.38 -0.22
N GLN A 11 6.37 -5.85 -1.42
CA GLN A 11 6.55 -7.25 -1.77
C GLN A 11 5.77 -8.15 -0.80
N PRO A 12 4.43 -8.14 -0.93
CA PRO A 12 3.55 -8.94 -0.09
C PRO A 12 3.67 -10.44 -0.39
N TYR A 13 4.52 -11.12 0.36
CA TYR A 13 4.72 -12.56 0.17
C TYR A 13 5.63 -13.12 1.26
N LEU A 1 -14.09 4.65 4.15
CA LEU A 1 -12.80 4.39 3.49
C LEU A 1 -12.49 5.48 2.48
N GLY A 2 -11.20 5.64 2.18
CA GLY A 2 -10.79 6.65 1.22
C GLY A 2 -10.07 7.82 1.87
N GLN A 3 -9.14 7.50 2.77
CA GLN A 3 -8.37 8.54 3.46
C GLN A 3 -6.99 8.02 3.86
N GLN A 4 -6.45 7.12 3.05
CA GLN A 4 -5.13 6.55 3.32
C GLN A 4 -4.29 6.48 2.05
N GLN A 5 -2.99 6.64 2.20
CA GLN A 5 -2.08 6.59 1.06
C GLN A 5 -0.83 5.77 1.39
N PRO A 6 -1.00 4.44 1.44
CA PRO A 6 0.09 3.51 1.74
C PRO A 6 1.11 3.43 0.61
N ALA A 7 2.20 2.72 0.85
CA ALA A 7 3.26 2.56 -0.15
C ALA A 7 2.90 1.45 -1.13
N PRO A 8 3.56 1.47 -2.30
CA PRO A 8 3.34 0.47 -3.35
C PRO A 8 3.88 -0.90 -2.97
N PRO A 9 3.50 -1.92 -3.76
CA PRO A 9 3.92 -3.30 -3.51
C PRO A 9 5.41 -3.49 -3.80
N GLN A 10 6.16 -3.91 -2.79
CA GLN A 10 7.60 -4.14 -2.94
C GLN A 10 7.91 -5.64 -2.91
N GLN A 11 6.95 -6.45 -3.32
CA GLN A 11 7.12 -7.89 -3.35
C GLN A 11 7.43 -8.43 -1.95
N PRO A 12 6.42 -8.39 -1.07
CA PRO A 12 6.56 -8.86 0.32
C PRO A 12 6.70 -10.38 0.39
N TYR A 13 7.79 -10.84 1.01
CA TYR A 13 8.03 -12.26 1.15
C TYR A 13 8.18 -12.93 -0.21
N LEU A 1 -11.61 4.52 6.77
CA LEU A 1 -11.47 4.15 5.37
C LEU A 1 -11.13 5.37 4.52
N GLY A 2 -10.76 5.13 3.27
CA GLY A 2 -10.41 6.22 2.37
C GLY A 2 -9.16 6.95 2.81
N GLN A 3 -8.05 6.22 2.88
CA GLN A 3 -6.78 6.81 3.28
C GLN A 3 -5.60 6.07 2.66
N GLN A 4 -5.84 5.50 1.48
CA GLN A 4 -4.80 4.76 0.78
C GLN A 4 -3.97 5.69 -0.11
N GLN A 5 -2.70 5.34 -0.29
CA GLN A 5 -1.80 6.15 -1.11
C GLN A 5 -1.38 5.39 -2.36
N PRO A 6 -0.90 6.12 -3.37
CA PRO A 6 -0.45 5.55 -4.65
C PRO A 6 0.84 4.75 -4.49
N ALA A 7 0.93 3.63 -5.20
CA ALA A 7 2.11 2.78 -5.15
C ALA A 7 2.46 2.42 -3.70
N PRO A 8 1.66 1.52 -3.11
CA PRO A 8 1.86 1.07 -1.73
C PRO A 8 3.11 0.20 -1.58
N PRO A 9 3.52 -0.04 -0.33
CA PRO A 9 4.69 -0.86 -0.02
C PRO A 9 4.48 -2.33 -0.34
N GLN A 10 5.47 -2.96 -0.97
CA GLN A 10 5.39 -4.37 -1.33
C GLN A 10 6.29 -5.21 -0.44
N GLN A 11 6.22 -6.52 -0.61
CA GLN A 11 7.04 -7.44 0.18
C GLN A 11 7.85 -8.36 -0.72
N PRO A 12 8.92 -8.95 -0.16
CA PRO A 12 9.81 -9.85 -0.89
C PRO A 12 9.12 -11.18 -1.24
N TYR A 13 8.50 -11.22 -2.41
CA TYR A 13 7.82 -12.43 -2.86
C TYR A 13 8.52 -13.04 -4.06
N LEU A 1 -14.29 7.07 1.29
CA LEU A 1 -13.12 6.35 1.80
C LEU A 1 -12.07 6.20 0.72
N GLY A 2 -10.98 5.52 1.05
CA GLY A 2 -9.90 5.32 0.10
C GLY A 2 -8.83 6.38 0.19
N GLN A 3 -8.40 6.68 1.41
CA GLN A 3 -7.36 7.68 1.64
C GLN A 3 -6.01 7.04 1.90
N GLN A 4 -5.80 5.87 1.31
CA GLN A 4 -4.54 5.14 1.48
C GLN A 4 -3.35 6.01 1.09
N GLN A 5 -2.15 5.54 1.42
CA GLN A 5 -0.93 6.27 1.10
C GLN A 5 -0.19 5.61 -0.06
N PRO A 6 0.70 6.38 -0.71
CA PRO A 6 1.49 5.88 -1.84
C PRO A 6 2.54 4.86 -1.42
N ALA A 7 2.91 3.99 -2.35
CA ALA A 7 3.91 2.96 -2.07
C ALA A 7 3.55 2.18 -0.82
N PRO A 8 2.47 1.38 -0.91
CA PRO A 8 2.00 0.56 0.21
C PRO A 8 2.94 -0.60 0.52
N PRO A 9 2.73 -1.24 1.68
CA PRO A 9 3.55 -2.37 2.12
C PRO A 9 3.32 -3.62 1.27
N GLN A 10 4.13 -3.76 0.22
CA GLN A 10 4.01 -4.91 -0.67
C GLN A 10 4.64 -6.15 -0.04
N GLN A 11 4.30 -7.32 -0.58
CA GLN A 11 4.83 -8.58 -0.07
C GLN A 11 6.29 -8.74 -0.43
N PRO A 12 6.98 -9.63 0.30
CA PRO A 12 8.41 -9.90 0.08
C PRO A 12 8.67 -10.62 -1.23
N TYR A 13 9.82 -10.36 -1.84
CA TYR A 13 10.18 -11.00 -3.10
C TYR A 13 9.14 -10.71 -4.17
N LEU A 1 -14.03 4.42 4.13
CA LEU A 1 -12.62 4.25 4.44
C LEU A 1 -11.76 4.48 3.20
N GLY A 2 -10.53 4.95 3.41
CA GLY A 2 -9.63 5.19 2.30
C GLY A 2 -8.18 5.31 2.74
N GLN A 3 -7.61 6.50 2.59
CA GLN A 3 -6.22 6.75 2.97
C GLN A 3 -5.29 5.72 2.32
N GLN A 4 -5.26 5.73 1.00
CA GLN A 4 -4.40 4.81 0.26
C GLN A 4 -3.81 5.48 -0.98
N GLN A 5 -2.53 5.82 -0.90
CA GLN A 5 -1.85 6.47 -2.01
C GLN A 5 -1.27 5.44 -2.98
N PRO A 6 -0.99 5.87 -4.21
CA PRO A 6 -0.43 5.00 -5.25
C PRO A 6 1.01 4.60 -4.96
N ALA A 7 1.49 3.57 -5.65
CA ALA A 7 2.85 3.09 -5.47
C ALA A 7 3.13 2.78 -4.00
N PRO A 8 2.47 1.73 -3.49
CA PRO A 8 2.62 1.30 -2.10
C PRO A 8 3.99 0.69 -1.83
N PRO A 9 4.33 0.51 -0.55
CA PRO A 9 5.60 -0.07 -0.12
C PRO A 9 5.71 -1.55 -0.46
N GLN A 10 6.87 -2.13 -0.17
CA GLN A 10 7.10 -3.55 -0.45
C GLN A 10 6.21 -4.43 0.43
N GLN A 11 6.21 -5.72 0.14
CA GLN A 11 5.40 -6.67 0.91
C GLN A 11 6.21 -7.91 1.26
N PRO A 12 5.74 -8.66 2.27
CA PRO A 12 6.41 -9.89 2.73
C PRO A 12 6.29 -11.02 1.71
N TYR A 13 6.79 -12.19 2.09
CA TYR A 13 6.74 -13.35 1.21
C TYR A 13 6.58 -14.64 2.02
N LEU A 1 -12.21 14.01 -0.24
CA LEU A 1 -11.87 12.89 0.65
C LEU A 1 -10.85 11.98 -0.02
N GLY A 2 -10.11 11.23 0.81
CA GLY A 2 -9.12 10.32 0.28
C GLY A 2 -8.88 9.12 1.19
N GLN A 3 -8.00 9.30 2.17
CA GLN A 3 -7.69 8.23 3.12
C GLN A 3 -7.20 6.98 2.37
N GLN A 4 -5.90 6.92 2.12
CA GLN A 4 -5.31 5.78 1.42
C GLN A 4 -5.20 4.57 2.36
N GLN A 5 -5.59 3.40 1.85
CA GLN A 5 -5.53 2.18 2.63
C GLN A 5 -4.09 1.66 2.72
N PRO A 6 -3.85 0.80 3.73
CA PRO A 6 -2.52 0.21 3.95
C PRO A 6 -2.14 -0.78 2.85
N ALA A 7 -1.48 -0.28 1.81
CA ALA A 7 -1.06 -1.13 0.70
C ALA A 7 0.28 -0.68 0.15
N PRO A 8 1.35 -0.95 0.91
CA PRO A 8 2.72 -0.58 0.52
C PRO A 8 3.23 -1.39 -0.67
N PRO A 9 4.35 -0.96 -1.26
CA PRO A 9 4.96 -1.64 -2.41
C PRO A 9 5.57 -2.98 -2.02
N GLN A 10 5.41 -3.98 -2.89
CA GLN A 10 5.95 -5.31 -2.64
C GLN A 10 7.35 -5.44 -3.23
N GLN A 11 8.05 -6.49 -2.80
CA GLN A 11 9.41 -6.74 -3.29
C GLN A 11 9.65 -8.23 -3.47
N PRO A 12 10.68 -8.57 -4.28
CA PRO A 12 11.04 -9.96 -4.56
C PRO A 12 11.64 -10.67 -3.33
N TYR A 13 12.05 -11.91 -3.52
CA TYR A 13 12.63 -12.69 -2.43
C TYR A 13 14.15 -12.63 -2.48
N LEU A 1 -10.99 12.55 0.09
CA LEU A 1 -10.32 12.72 1.38
C LEU A 1 -10.83 11.69 2.38
N GLY A 2 -9.97 11.33 3.33
CA GLY A 2 -10.35 10.36 4.34
C GLY A 2 -10.50 8.96 3.77
N GLN A 3 -9.80 8.69 2.68
CA GLN A 3 -9.86 7.39 2.03
C GLN A 3 -8.47 6.78 1.89
N GLN A 4 -7.87 6.41 3.01
CA GLN A 4 -6.54 5.83 3.01
C GLN A 4 -6.58 4.37 2.55
N GLN A 5 -5.61 3.99 1.72
CA GLN A 5 -5.55 2.63 1.20
C GLN A 5 -4.25 1.96 1.60
N PRO A 6 -4.23 0.62 1.56
CA PRO A 6 -3.04 -0.17 1.91
C PRO A 6 -1.90 -0.01 0.90
N ALA A 7 -0.68 -0.07 1.39
CA ALA A 7 0.49 0.06 0.54
C ALA A 7 1.67 -0.74 1.08
N PRO A 8 1.56 -2.07 1.04
CA PRO A 8 2.60 -2.98 1.53
C PRO A 8 3.85 -2.96 0.65
N PRO A 9 4.94 -3.55 1.15
CA PRO A 9 6.21 -3.62 0.41
C PRO A 9 6.13 -4.56 -0.79
N GLN A 10 6.63 -4.09 -1.93
CA GLN A 10 6.62 -4.89 -3.15
C GLN A 10 8.02 -5.39 -3.48
N GLN A 11 8.30 -6.63 -3.12
CA GLN A 11 9.60 -7.23 -3.38
C GLN A 11 9.66 -8.66 -2.87
N PRO A 12 8.98 -9.57 -3.59
CA PRO A 12 8.94 -10.99 -3.22
C PRO A 12 10.28 -11.68 -3.43
N TYR A 13 10.68 -12.51 -2.46
CA TYR A 13 11.94 -13.23 -2.54
C TYR A 13 11.72 -14.68 -2.95
N LEU A 1 -10.19 8.22 -0.07
CA LEU A 1 -8.87 8.67 0.38
C LEU A 1 -8.74 8.55 1.89
N GLY A 2 -7.60 8.03 2.35
CA GLY A 2 -7.37 7.87 3.77
C GLY A 2 -5.94 7.46 4.08
N GLN A 3 -5.79 6.37 4.82
CA GLN A 3 -4.46 5.86 5.18
C GLN A 3 -4.33 4.38 4.86
N GLN A 4 -5.01 3.95 3.81
CA GLN A 4 -4.98 2.55 3.40
C GLN A 4 -5.27 2.41 1.91
N GLN A 5 -4.22 2.49 1.10
CA GLN A 5 -4.37 2.38 -0.35
C GLN A 5 -4.69 0.94 -0.75
N PRO A 6 -5.23 0.77 -1.97
CA PRO A 6 -5.59 -0.55 -2.49
C PRO A 6 -4.37 -1.40 -2.82
N ALA A 7 -4.55 -2.71 -2.83
CA ALA A 7 -3.47 -3.63 -3.13
C ALA A 7 -2.37 -3.55 -2.07
N PRO A 8 -1.54 -4.61 -2.00
CA PRO A 8 -0.44 -4.67 -1.03
C PRO A 8 0.68 -3.68 -1.35
N PRO A 9 1.60 -3.50 -0.39
CA PRO A 9 2.73 -2.58 -0.55
C PRO A 9 3.75 -3.09 -1.56
N GLN A 10 4.37 -2.16 -2.28
CA GLN A 10 5.37 -2.51 -3.29
C GLN A 10 6.57 -3.19 -2.65
N GLN A 11 7.33 -3.92 -3.45
CA GLN A 11 8.51 -4.62 -2.97
C GLN A 11 8.16 -5.49 -1.76
N PRO A 12 7.44 -6.59 -2.02
CA PRO A 12 7.02 -7.53 -0.98
C PRO A 12 8.19 -8.33 -0.42
N TYR A 13 7.90 -9.22 0.52
CA TYR A 13 8.93 -10.05 1.13
C TYR A 13 9.16 -11.32 0.33
N LEU A 1 -12.15 1.39 -0.87
CA LEU A 1 -11.21 2.29 -0.20
C LEU A 1 -11.93 3.53 0.32
N GLY A 2 -11.16 4.42 0.95
CA GLY A 2 -11.73 5.64 1.49
C GLY A 2 -10.86 6.28 2.55
N GLN A 3 -10.05 5.46 3.21
CA GLN A 3 -9.15 5.96 4.25
C GLN A 3 -7.76 5.34 4.12
N GLN A 4 -7.42 4.95 2.90
CA GLN A 4 -6.12 4.33 2.63
C GLN A 4 -5.12 5.38 2.13
N GLN A 5 -3.91 5.35 2.69
CA GLN A 5 -2.87 6.30 2.30
C GLN A 5 -1.91 5.66 1.31
N PRO A 6 -1.17 6.50 0.58
CA PRO A 6 -0.20 6.04 -0.42
C PRO A 6 1.02 5.38 0.22
N ALA A 7 1.57 4.38 -0.47
CA ALA A 7 2.74 3.67 0.03
C ALA A 7 3.61 3.18 -1.11
N PRO A 8 4.89 2.87 -0.80
CA PRO A 8 5.86 2.39 -1.80
C PRO A 8 5.53 0.98 -2.28
N PRO A 9 6.21 0.55 -3.36
CA PRO A 9 6.01 -0.77 -3.94
C PRO A 9 6.55 -1.89 -3.04
N GLN A 10 5.66 -2.73 -2.55
CA GLN A 10 6.05 -3.83 -1.68
C GLN A 10 5.31 -5.11 -2.06
N GLN A 11 6.06 -6.19 -2.24
CA GLN A 11 5.48 -7.48 -2.61
C GLN A 11 6.07 -8.61 -1.77
N PRO A 12 5.76 -8.60 -0.46
CA PRO A 12 6.25 -9.62 0.48
C PRO A 12 5.63 -10.99 0.23
N TYR A 13 6.32 -12.03 0.67
CA TYR A 13 5.82 -13.39 0.49
C TYR A 13 4.48 -13.59 1.20
N LEU A 1 -15.79 7.75 5.01
CA LEU A 1 -15.22 8.09 3.71
C LEU A 1 -14.42 6.92 3.14
N GLY A 2 -13.86 7.11 1.95
CA GLY A 2 -13.08 6.07 1.32
C GLY A 2 -11.81 5.74 2.10
N GLN A 3 -10.90 6.69 2.16
CA GLN A 3 -9.64 6.50 2.87
C GLN A 3 -8.86 5.33 2.29
N GLN A 4 -8.06 5.61 1.26
CA GLN A 4 -7.25 4.58 0.62
C GLN A 4 -5.95 5.16 0.08
N GLN A 5 -4.88 5.04 0.88
CA GLN A 5 -3.58 5.56 0.49
C GLN A 5 -2.72 4.45 -0.12
N PRO A 6 -1.69 4.85 -0.87
CA PRO A 6 -0.77 3.91 -1.52
C PRO A 6 0.11 3.18 -0.53
N ALA A 7 0.59 2.00 -0.92
CA ALA A 7 1.45 1.20 -0.05
C ALA A 7 2.86 1.11 -0.61
N PRO A 8 3.83 0.77 0.26
CA PRO A 8 5.24 0.65 -0.14
C PRO A 8 5.49 -0.56 -1.04
N PRO A 9 6.68 -0.62 -1.65
CA PRO A 9 7.06 -1.71 -2.55
C PRO A 9 7.27 -3.02 -1.80
N GLN A 10 6.37 -3.97 -2.00
CA GLN A 10 6.46 -5.27 -1.35
C GLN A 10 6.69 -6.37 -2.37
N GLN A 11 7.76 -7.13 -2.18
CA GLN A 11 8.10 -8.22 -3.08
C GLN A 11 8.25 -9.54 -2.32
N PRO A 12 7.12 -10.09 -1.85
CA PRO A 12 7.10 -11.34 -1.10
C PRO A 12 7.43 -12.55 -1.98
N TYR A 13 8.14 -13.50 -1.41
CA TYR A 13 8.53 -14.71 -2.13
C TYR A 13 8.04 -15.96 -1.42
N LEU A 1 -10.90 11.38 -1.47
CA LEU A 1 -11.66 10.60 -0.49
C LEU A 1 -10.81 9.46 0.06
N GLY A 2 -11.41 8.64 0.93
CA GLY A 2 -10.71 7.53 1.51
C GLY A 2 -9.81 7.95 2.65
N GLN A 3 -9.86 7.19 3.75
CA GLN A 3 -9.05 7.49 4.93
C GLN A 3 -7.89 6.51 5.05
N GLN A 4 -7.43 6.00 3.91
CA GLN A 4 -6.32 5.05 3.89
C GLN A 4 -5.61 5.07 2.55
N GLN A 5 -4.34 5.50 2.56
CA GLN A 5 -3.55 5.56 1.33
C GLN A 5 -3.10 4.18 0.90
N PRO A 6 -2.72 4.04 -0.38
CA PRO A 6 -2.25 2.77 -0.94
C PRO A 6 -0.89 2.37 -0.40
N ALA A 7 -0.69 1.07 -0.21
CA ALA A 7 0.58 0.55 0.31
C ALA A 7 1.56 0.28 -0.83
N PRO A 8 2.85 0.21 -0.49
CA PRO A 8 3.92 -0.05 -1.46
C PRO A 8 3.88 -1.47 -2.01
N PRO A 9 4.64 -1.71 -3.09
CA PRO A 9 4.70 -3.03 -3.73
C PRO A 9 5.43 -4.06 -2.87
N GLN A 10 4.66 -4.99 -2.30
CA GLN A 10 5.21 -6.03 -1.45
C GLN A 10 6.27 -6.84 -2.21
N GLN A 11 7.24 -7.37 -1.47
CA GLN A 11 8.31 -8.16 -2.08
C GLN A 11 8.41 -9.53 -1.40
N PRO A 12 7.44 -10.41 -1.69
CA PRO A 12 7.41 -11.75 -1.13
C PRO A 12 8.52 -12.65 -1.68
N TYR A 13 8.94 -13.63 -0.88
CA TYR A 13 9.99 -14.54 -1.29
C TYR A 13 9.45 -15.95 -1.47
N LEU A 1 -13.33 6.43 -0.25
CA LEU A 1 -12.42 7.56 -0.28
C LEU A 1 -11.42 7.49 0.87
N GLY A 2 -10.22 8.01 0.64
CA GLY A 2 -9.19 8.00 1.67
C GLY A 2 -8.72 6.60 2.00
N GLN A 3 -8.80 5.70 1.03
CA GLN A 3 -8.39 4.31 1.23
C GLN A 3 -6.94 4.11 0.80
N GLN A 4 -6.02 4.76 1.50
CA GLN A 4 -4.60 4.66 1.19
C GLN A 4 -3.76 5.14 2.36
N GLN A 5 -3.21 4.19 3.13
CA GLN A 5 -2.38 4.53 4.28
C GLN A 5 -0.92 4.69 3.87
N PRO A 6 -0.14 5.37 4.71
CA PRO A 6 1.28 5.62 4.46
C PRO A 6 2.11 4.34 4.56
N ALA A 7 2.24 3.63 3.45
CA ALA A 7 3.01 2.40 3.40
C ALA A 7 3.46 2.08 1.99
N PRO A 8 4.50 1.22 1.87
CA PRO A 8 5.04 0.82 0.57
C PRO A 8 4.08 -0.08 -0.21
N PRO A 9 4.38 -0.29 -1.49
CA PRO A 9 3.56 -1.13 -2.37
C PRO A 9 3.64 -2.61 -2.01
N GLN A 10 2.92 -3.45 -2.76
CA GLN A 10 2.92 -4.88 -2.51
C GLN A 10 4.16 -5.54 -3.08
N GLN A 11 4.72 -6.49 -2.35
CA GLN A 11 5.92 -7.19 -2.79
C GLN A 11 6.04 -8.55 -2.11
N PRO A 12 5.19 -9.50 -2.53
CA PRO A 12 5.17 -10.86 -1.98
C PRO A 12 6.41 -11.66 -2.37
N TYR A 13 7.10 -12.20 -1.37
CA TYR A 13 8.29 -13.00 -1.61
C TYR A 13 7.95 -14.35 -2.20
N LEU A 1 -10.06 7.93 -1.06
CA LEU A 1 -9.24 6.96 -0.33
C LEU A 1 -9.85 6.65 1.03
N GLY A 2 -9.54 5.47 1.57
CA GLY A 2 -10.06 5.08 2.86
C GLY A 2 -9.26 3.96 3.49
N GLN A 3 -8.08 4.30 3.98
CA GLN A 3 -7.21 3.31 4.61
C GLN A 3 -6.87 2.18 3.65
N GLN A 4 -6.63 2.53 2.39
CA GLN A 4 -6.30 1.54 1.37
C GLN A 4 -4.79 1.34 1.27
N GLN A 5 -4.15 1.07 2.41
CA GLN A 5 -2.71 0.86 2.45
C GLN A 5 -1.98 2.01 1.76
N PRO A 6 -1.99 3.19 2.40
CA PRO A 6 -1.33 4.38 1.87
C PRO A 6 0.20 4.27 1.90
N ALA A 7 0.76 3.79 0.81
CA ALA A 7 2.21 3.63 0.71
C ALA A 7 2.63 3.23 -0.70
N PRO A 8 3.91 3.45 -1.02
CA PRO A 8 4.47 3.11 -2.35
C PRO A 8 4.56 1.61 -2.57
N PRO A 9 4.81 1.21 -3.83
CA PRO A 9 4.93 -0.20 -4.21
C PRO A 9 6.20 -0.84 -3.65
N GLN A 10 6.02 -1.86 -2.81
CA GLN A 10 7.15 -2.55 -2.21
C GLN A 10 7.11 -4.04 -2.56
N GLN A 11 6.54 -4.36 -3.71
CA GLN A 11 6.44 -5.74 -4.16
C GLN A 11 5.59 -6.56 -3.20
N PRO A 12 5.10 -7.71 -3.69
CA PRO A 12 4.26 -8.62 -2.90
C PRO A 12 5.04 -9.31 -1.79
N TYR A 13 4.35 -10.11 -0.99
CA TYR A 13 4.98 -10.83 0.11
C TYR A 13 5.62 -12.12 -0.39
N LEU A 1 -13.67 5.71 -2.24
CA LEU A 1 -12.91 6.01 -1.03
C LEU A 1 -11.79 7.00 -1.31
N GLY A 2 -11.32 7.67 -0.26
CA GLY A 2 -10.26 8.63 -0.41
C GLY A 2 -9.46 8.84 0.86
N GLN A 3 -9.32 7.78 1.65
CA GLN A 3 -8.59 7.84 2.90
C GLN A 3 -7.55 6.72 3.00
N GLN A 4 -7.06 6.29 1.84
CA GLN A 4 -6.08 5.21 1.79
C GLN A 4 -4.87 5.54 2.67
N GLN A 5 -4.19 4.51 3.15
CA GLN A 5 -3.04 4.69 4.01
C GLN A 5 -1.74 4.33 3.27
N PRO A 6 -0.61 4.82 3.79
CA PRO A 6 0.70 4.57 3.19
C PRO A 6 1.14 3.11 3.34
N ALA A 7 1.99 2.65 2.43
CA ALA A 7 2.49 1.28 2.47
C ALA A 7 3.65 1.09 1.51
N PRO A 8 4.45 0.03 1.75
CA PRO A 8 5.61 -0.28 0.91
C PRO A 8 5.21 -0.76 -0.48
N PRO A 9 6.19 -0.83 -1.38
CA PRO A 9 5.97 -1.28 -2.77
C PRO A 9 5.65 -2.77 -2.86
N GLN A 10 4.62 -3.09 -3.62
CA GLN A 10 4.21 -4.49 -3.79
C GLN A 10 5.33 -5.31 -4.41
N GLN A 11 5.69 -6.40 -3.76
CA GLN A 11 6.76 -7.28 -4.25
C GLN A 11 6.55 -8.71 -3.77
N PRO A 12 7.20 -9.67 -4.46
CA PRO A 12 7.10 -11.09 -4.12
C PRO A 12 7.80 -11.42 -2.81
N TYR A 13 7.41 -12.52 -2.20
CA TYR A 13 8.00 -12.96 -0.93
C TYR A 13 9.20 -13.87 -1.18
N LEU A 1 -15.92 6.10 -0.13
CA LEU A 1 -14.65 5.85 0.55
C LEU A 1 -13.47 6.17 -0.36
N GLY A 2 -12.26 6.00 0.16
CA GLY A 2 -11.07 6.26 -0.62
C GLY A 2 -10.29 7.45 -0.12
N GLN A 3 -10.20 7.58 1.20
CA GLN A 3 -9.49 8.69 1.81
C GLN A 3 -8.37 8.19 2.72
N GLN A 4 -7.48 7.37 2.16
CA GLN A 4 -6.37 6.82 2.92
C GLN A 4 -5.09 6.81 2.09
N GLN A 5 -3.96 6.95 2.76
CA GLN A 5 -2.67 6.97 2.08
C GLN A 5 -2.42 5.64 1.35
N PRO A 6 -1.49 5.66 0.39
CA PRO A 6 -1.15 4.48 -0.41
C PRO A 6 -0.40 3.43 0.42
N ALA A 7 -0.24 2.24 -0.15
CA ALA A 7 0.45 1.15 0.54
C ALA A 7 1.87 0.99 0.00
N PRO A 8 2.72 0.33 0.79
CA PRO A 8 4.12 0.08 0.40
C PRO A 8 4.25 -0.92 -0.73
N PRO A 9 5.45 -1.01 -1.32
CA PRO A 9 5.73 -1.93 -2.42
C PRO A 9 5.72 -3.39 -1.98
N GLN A 10 5.57 -4.29 -2.94
CA GLN A 10 5.54 -5.73 -2.65
C GLN A 10 6.95 -6.26 -2.39
N GLN A 11 7.04 -7.52 -1.99
CA GLN A 11 8.33 -8.13 -1.70
C GLN A 11 8.51 -9.42 -2.51
N PRO A 12 9.77 -9.86 -2.65
CA PRO A 12 10.10 -11.07 -3.39
C PRO A 12 9.63 -12.34 -2.69
N TYR A 13 9.30 -13.36 -3.47
CA TYR A 13 8.83 -14.62 -2.90
C TYR A 13 9.78 -15.76 -3.27
N LEU A 1 -15.59 5.52 3.00
CA LEU A 1 -14.28 5.28 2.42
C LEU A 1 -13.88 6.39 1.45
N GLY A 2 -12.67 6.30 0.92
CA GLY A 2 -12.19 7.31 -0.02
C GLY A 2 -11.11 8.17 0.58
N GLN A 3 -10.35 7.61 1.51
CA GLN A 3 -9.26 8.34 2.17
C GLN A 3 -8.15 7.40 2.57
N GLN A 4 -7.22 7.15 1.65
CA GLN A 4 -6.09 6.25 1.92
C GLN A 4 -4.83 6.76 1.24
N GLN A 5 -3.69 6.53 1.88
CA GLN A 5 -2.40 6.96 1.34
C GLN A 5 -1.75 5.85 0.53
N PRO A 6 -0.80 6.22 -0.33
CA PRO A 6 -0.09 5.27 -1.19
C PRO A 6 0.86 4.38 -0.39
N ALA A 7 0.45 3.13 -0.18
CA ALA A 7 1.27 2.17 0.56
C ALA A 7 2.65 2.01 -0.08
N PRO A 8 3.60 1.49 0.71
CA PRO A 8 4.97 1.27 0.24
C PRO A 8 5.06 0.13 -0.78
N PRO A 9 6.21 0.03 -1.45
CA PRO A 9 6.46 -1.01 -2.46
C PRO A 9 6.57 -2.40 -1.84
N GLN A 10 5.68 -3.30 -2.25
CA GLN A 10 5.68 -4.66 -1.74
C GLN A 10 6.34 -5.62 -2.73
N GLN A 11 6.92 -6.69 -2.22
CA GLN A 11 7.59 -7.68 -3.06
C GLN A 11 6.94 -9.05 -2.91
N PRO A 12 7.17 -9.93 -3.90
CA PRO A 12 6.60 -11.29 -3.90
C PRO A 12 7.24 -12.17 -2.84
N TYR A 13 6.84 -13.44 -2.81
CA TYR A 13 7.36 -14.39 -1.83
C TYR A 13 7.57 -15.76 -2.48
N LEU A 1 -11.78 8.57 -0.96
CA LEU A 1 -11.00 7.94 0.10
C LEU A 1 -11.57 6.57 0.45
N GLY A 2 -10.77 5.76 1.14
CA GLY A 2 -11.22 4.44 1.53
C GLY A 2 -10.06 3.50 1.85
N GLN A 3 -9.57 2.81 0.82
CA GLN A 3 -8.45 1.88 0.99
C GLN A 3 -7.20 2.39 0.29
N GLN A 4 -6.78 3.60 0.64
CA GLN A 4 -5.59 4.19 0.03
C GLN A 4 -4.82 5.02 1.05
N GLN A 5 -3.78 4.41 1.62
CA GLN A 5 -2.95 5.10 2.61
C GLN A 5 -1.55 5.35 2.08
N PRO A 6 -0.83 6.30 2.70
CA PRO A 6 0.54 6.65 2.30
C PRO A 6 1.54 5.54 2.63
N ALA A 7 1.85 4.73 1.62
CA ALA A 7 2.80 3.64 1.80
C ALA A 7 3.27 3.10 0.44
N PRO A 8 4.41 2.40 0.46
CA PRO A 8 4.99 1.82 -0.76
C PRO A 8 4.16 0.65 -1.29
N PRO A 9 4.48 0.23 -2.53
CA PRO A 9 3.77 -0.88 -3.19
C PRO A 9 4.08 -2.22 -2.54
N GLN A 10 3.04 -2.91 -2.08
CA GLN A 10 3.19 -4.21 -1.44
C GLN A 10 3.99 -5.16 -2.34
N GLN A 11 5.11 -5.67 -1.81
CA GLN A 11 5.95 -6.59 -2.56
C GLN A 11 5.56 -8.04 -2.29
N PRO A 12 5.97 -8.95 -3.19
CA PRO A 12 5.67 -10.38 -3.06
C PRO A 12 6.44 -11.03 -1.91
N TYR A 13 6.28 -12.34 -1.76
CA TYR A 13 6.95 -13.08 -0.70
C TYR A 13 6.65 -12.47 0.66
N LEU A 1 -14.33 5.22 4.52
CA LEU A 1 -13.51 5.06 3.33
C LEU A 1 -13.12 6.40 2.75
N GLY A 2 -11.94 6.89 3.15
CA GLY A 2 -11.47 8.18 2.65
C GLY A 2 -10.10 8.54 3.21
N GLN A 3 -9.22 7.55 3.30
CA GLN A 3 -7.88 7.76 3.82
C GLN A 3 -6.86 6.88 3.10
N GLN A 4 -7.00 6.80 1.77
CA GLN A 4 -6.09 5.98 0.97
C GLN A 4 -4.80 6.74 0.68
N GLN A 5 -3.72 6.33 1.32
CA GLN A 5 -2.42 6.97 1.12
C GLN A 5 -1.50 6.09 0.28
N PRO A 6 -0.46 6.70 -0.30
CA PRO A 6 0.52 5.99 -1.14
C PRO A 6 1.40 5.06 -0.32
N ALA A 7 1.38 3.77 -0.67
CA ALA A 7 2.19 2.78 0.02
C ALA A 7 3.31 2.25 -0.87
N PRO A 8 4.34 1.66 -0.24
CA PRO A 8 5.49 1.11 -0.97
C PRO A 8 5.13 -0.14 -1.76
N PRO A 9 6.05 -0.56 -2.65
CA PRO A 9 5.86 -1.74 -3.50
C PRO A 9 5.89 -3.03 -2.69
N GLN A 10 5.49 -4.13 -3.33
CA GLN A 10 5.49 -5.43 -2.66
C GLN A 10 6.64 -6.30 -3.15
N GLN A 11 6.85 -7.42 -2.48
CA GLN A 11 7.93 -8.33 -2.85
C GLN A 11 7.43 -9.78 -2.90
N PRO A 12 8.18 -10.64 -3.61
CA PRO A 12 7.83 -12.06 -3.76
C PRO A 12 7.97 -12.83 -2.45
N TYR A 13 6.88 -13.42 -2.00
CA TYR A 13 6.87 -14.19 -0.77
C TYR A 13 7.14 -15.67 -1.04
N LEU A 1 -13.10 14.71 2.52
CA LEU A 1 -13.46 13.33 2.26
C LEU A 1 -12.36 12.62 1.48
N GLY A 2 -12.37 11.29 1.52
CA GLY A 2 -11.38 10.52 0.80
C GLY A 2 -10.23 10.06 1.71
N GLN A 3 -10.25 8.79 2.07
CA GLN A 3 -9.21 8.23 2.92
C GLN A 3 -8.67 6.92 2.35
N GLN A 4 -7.79 7.03 1.35
CA GLN A 4 -7.21 5.85 0.73
C GLN A 4 -6.04 5.31 1.55
N GLN A 5 -5.87 3.99 1.53
CA GLN A 5 -4.79 3.35 2.28
C GLN A 5 -4.59 1.92 1.81
N PRO A 6 -4.06 1.76 0.59
CA PRO A 6 -3.80 0.43 0.00
C PRO A 6 -2.65 -0.29 0.70
N ALA A 7 -2.30 -1.45 0.17
CA ALA A 7 -1.21 -2.24 0.73
C ALA A 7 0.14 -1.73 0.26
N PRO A 8 1.20 -2.10 1.00
CA PRO A 8 2.58 -1.68 0.68
C PRO A 8 3.10 -2.36 -0.59
N PRO A 9 4.23 -1.85 -1.09
CA PRO A 9 4.86 -2.40 -2.30
C PRO A 9 5.47 -3.79 -2.07
N GLN A 10 5.49 -4.60 -3.12
CA GLN A 10 6.04 -5.94 -3.02
C GLN A 10 7.56 -5.92 -3.05
N GLN A 11 8.18 -6.95 -2.48
CA GLN A 11 9.63 -7.04 -2.43
C GLN A 11 10.08 -8.45 -2.04
N PRO A 12 9.84 -9.41 -2.94
CA PRO A 12 10.22 -10.81 -2.73
C PRO A 12 11.72 -11.01 -2.74
N TYR A 13 12.14 -12.27 -2.59
CA TYR A 13 13.56 -12.61 -2.59
C TYR A 13 13.80 -13.97 -3.21
N LEU A 1 -13.23 8.68 -3.33
CA LEU A 1 -12.60 8.97 -2.05
C LEU A 1 -11.28 8.22 -1.92
N GLY A 2 -10.46 8.64 -0.96
CA GLY A 2 -9.17 7.99 -0.74
C GLY A 2 -8.31 8.74 0.25
N GLN A 3 -8.15 8.18 1.44
CA GLN A 3 -7.35 8.80 2.48
C GLN A 3 -6.08 7.99 2.74
N GLN A 4 -5.31 7.76 1.68
CA GLN A 4 -4.07 7.00 1.79
C GLN A 4 -4.31 5.65 2.43
N GLN A 5 -4.71 4.67 1.62
CA GLN A 5 -4.99 3.33 2.11
C GLN A 5 -3.68 2.56 2.34
N PRO A 6 -3.76 1.49 3.15
CA PRO A 6 -2.60 0.66 3.47
C PRO A 6 -2.14 -0.17 2.28
N ALA A 7 -0.88 0.04 1.89
CA ALA A 7 -0.31 -0.69 0.76
C ALA A 7 1.20 -0.52 0.70
N PRO A 8 1.91 -1.17 1.63
CA PRO A 8 3.37 -1.12 1.72
C PRO A 8 4.05 -1.83 0.54
N PRO A 9 5.37 -1.60 0.40
CA PRO A 9 6.15 -2.21 -0.68
C PRO A 9 6.33 -3.72 -0.48
N GLN A 10 5.56 -4.50 -1.22
CA GLN A 10 5.63 -5.95 -1.12
C GLN A 10 5.94 -6.58 -2.49
N GLN A 11 6.93 -7.46 -2.52
CA GLN A 11 7.33 -8.12 -3.76
C GLN A 11 7.73 -9.56 -3.50
N PRO A 12 7.66 -10.39 -4.54
CA PRO A 12 8.02 -11.82 -4.45
C PRO A 12 9.52 -12.02 -4.26
N TYR A 13 9.87 -12.90 -3.33
CA TYR A 13 11.26 -13.19 -3.04
C TYR A 13 11.62 -14.63 -3.41
N LEU A 1 -1.62 4.01 -3.53
CA LEU A 1 -2.85 4.59 -3.03
C LEU A 1 -2.65 5.19 -1.64
N GLY A 2 -3.60 6.01 -1.21
CA GLY A 2 -3.50 6.65 0.09
C GLY A 2 -4.86 6.82 0.75
N GLN A 3 -5.37 8.05 0.73
CA GLN A 3 -6.65 8.35 1.32
C GLN A 3 -6.71 7.87 2.77
N GLN A 4 -5.56 7.90 3.45
CA GLN A 4 -5.48 7.47 4.83
C GLN A 4 -6.08 6.08 5.01
N GLN A 5 -5.53 5.11 4.27
CA GLN A 5 -6.02 3.73 4.35
C GLN A 5 -4.85 2.75 4.35
N PRO A 6 -5.12 1.52 4.81
CA PRO A 6 -4.11 0.46 4.88
C PRO A 6 -3.70 -0.04 3.50
N ALA A 7 -2.74 0.65 2.88
CA ALA A 7 -2.25 0.27 1.56
C ALA A 7 -0.76 0.53 1.42
N PRO A 8 0.04 -0.24 2.15
CA PRO A 8 1.51 -0.10 2.13
C PRO A 8 2.11 -0.56 0.81
N PRO A 9 3.40 -0.23 0.59
CA PRO A 9 4.12 -0.59 -0.63
C PRO A 9 4.37 -2.10 -0.72
N GLN A 10 4.26 -2.63 -1.94
CA GLN A 10 4.49 -4.06 -2.16
C GLN A 10 5.66 -4.28 -3.11
N GLN A 11 6.64 -5.04 -2.66
CA GLN A 11 7.82 -5.34 -3.47
C GLN A 11 8.07 -6.84 -3.55
N PRO A 12 8.79 -7.27 -4.59
CA PRO A 12 9.12 -8.67 -4.81
C PRO A 12 10.11 -9.20 -3.78
N TYR A 13 10.48 -10.47 -3.90
CA TYR A 13 11.43 -11.10 -3.00
C TYR A 13 12.87 -10.74 -3.36
N LEU A 1 -7.47 9.96 -5.66
CA LEU A 1 -7.84 10.04 -4.25
C LEU A 1 -7.76 8.67 -3.59
N GLY A 2 -8.17 8.60 -2.32
CA GLY A 2 -8.14 7.35 -1.59
C GLY A 2 -7.07 7.34 -0.51
N GLN A 3 -7.50 7.19 0.74
CA GLN A 3 -6.56 7.17 1.86
C GLN A 3 -7.11 6.31 2.99
N GLN A 4 -7.37 5.04 2.69
CA GLN A 4 -7.90 4.11 3.69
C GLN A 4 -6.77 3.25 4.27
N GLN A 5 -6.28 3.65 5.43
CA GLN A 5 -5.20 2.91 6.09
C GLN A 5 -3.94 2.90 5.23
N PRO A 6 -2.79 2.63 5.87
CA PRO A 6 -1.50 2.58 5.18
C PRO A 6 -1.38 1.38 4.25
N ALA A 7 -1.21 1.66 2.96
CA ALA A 7 -1.08 0.60 1.96
C ALA A 7 0.17 0.81 1.11
N PRO A 8 1.35 0.61 1.73
CA PRO A 8 2.63 0.77 1.04
C PRO A 8 2.88 -0.33 0.01
N PRO A 9 3.90 -0.13 -0.84
CA PRO A 9 4.26 -1.09 -1.89
C PRO A 9 4.85 -2.37 -1.32
N GLN A 10 4.31 -3.51 -1.74
CA GLN A 10 4.79 -4.81 -1.27
C GLN A 10 5.73 -5.45 -2.29
N GLN A 11 6.87 -5.92 -1.82
CA GLN A 11 7.85 -6.55 -2.70
C GLN A 11 8.49 -7.76 -2.02
N PRO A 12 7.71 -8.82 -1.84
CA PRO A 12 8.19 -10.05 -1.20
C PRO A 12 9.19 -10.81 -2.06
N TYR A 13 10.44 -10.86 -1.61
CA TYR A 13 11.50 -11.55 -2.34
C TYR A 13 12.80 -11.53 -1.56
N LEU A 1 -3.19 -1.83 1.75
CA LEU A 1 -4.28 -1.01 1.24
C LEU A 1 -3.89 0.47 1.23
N GLY A 2 -4.84 1.32 0.83
CA GLY A 2 -4.58 2.74 0.79
C GLY A 2 -5.22 3.41 -0.40
N GLN A 3 -6.39 4.01 -0.19
CA GLN A 3 -7.12 4.69 -1.26
C GLN A 3 -6.70 6.15 -1.35
N GLN A 4 -6.10 6.67 -0.27
CA GLN A 4 -5.65 8.06 -0.24
C GLN A 4 -4.86 8.34 1.03
N GLN A 5 -3.82 7.55 1.26
CA GLN A 5 -2.98 7.73 2.44
C GLN A 5 -1.56 7.22 2.19
N PRO A 6 -0.61 7.72 2.98
CA PRO A 6 0.81 7.33 2.85
C PRO A 6 1.05 5.90 3.30
N ALA A 7 1.42 5.04 2.34
CA ALA A 7 1.69 3.65 2.64
C ALA A 7 2.84 3.12 1.79
N PRO A 8 3.45 2.01 2.23
CA PRO A 8 4.57 1.38 1.54
C PRO A 8 4.14 0.74 0.22
N PRO A 9 5.13 0.37 -0.61
CA PRO A 9 4.89 -0.27 -1.91
C PRO A 9 4.33 -1.69 -1.77
N GLN A 10 3.74 -2.19 -2.84
CA GLN A 10 3.17 -3.53 -2.84
C GLN A 10 4.27 -4.59 -2.84
N GLN A 11 4.10 -5.62 -2.03
CA GLN A 11 5.08 -6.69 -1.94
C GLN A 11 4.47 -7.94 -1.30
N PRO A 12 3.61 -8.63 -2.07
CA PRO A 12 2.94 -9.85 -1.60
C PRO A 12 3.91 -11.02 -1.44
N TYR A 13 3.92 -11.61 -0.25
CA TYR A 13 4.80 -12.74 0.02
C TYR A 13 4.22 -13.63 1.12
N LEU A 1 -11.85 9.45 0.64
CA LEU A 1 -10.82 8.57 1.17
C LEU A 1 -11.30 7.88 2.45
N GLY A 2 -11.03 6.59 2.55
CA GLY A 2 -11.43 5.84 3.72
C GLY A 2 -10.79 4.47 3.79
N GLN A 3 -11.12 3.61 2.83
CA GLN A 3 -10.56 2.27 2.78
C GLN A 3 -9.43 2.17 1.77
N GLN A 4 -8.45 3.08 1.91
CA GLN A 4 -7.31 3.09 1.00
C GLN A 4 -6.20 4.00 1.55
N GLN A 5 -4.98 3.48 1.53
CA GLN A 5 -3.83 4.25 2.02
C GLN A 5 -2.59 3.97 1.17
N PRO A 6 -1.60 4.88 1.26
CA PRO A 6 -0.35 4.76 0.50
C PRO A 6 0.52 3.61 1.01
N ALA A 7 0.70 2.59 0.18
CA ALA A 7 1.51 1.44 0.53
C ALA A 7 2.86 1.48 -0.18
N PRO A 8 3.83 0.72 0.36
CA PRO A 8 5.18 0.65 -0.22
C PRO A 8 5.20 -0.09 -1.55
N PRO A 9 6.34 0.02 -2.26
CA PRO A 9 6.52 -0.64 -3.56
C PRO A 9 6.62 -2.15 -3.43
N GLN A 10 6.69 -2.84 -4.57
CA GLN A 10 6.79 -4.29 -4.59
C GLN A 10 7.99 -4.76 -3.77
N GLN A 11 7.89 -5.97 -3.22
CA GLN A 11 8.97 -6.54 -2.42
C GLN A 11 8.98 -8.06 -2.51
N PRO A 12 10.14 -8.67 -2.23
CA PRO A 12 10.31 -10.12 -2.27
C PRO A 12 9.55 -10.82 -1.14
N TYR A 13 8.59 -11.66 -1.51
CA TYR A 13 7.80 -12.39 -0.53
C TYR A 13 8.15 -13.88 -0.53
N LEU A 1 -14.59 7.98 3.49
CA LEU A 1 -13.53 7.01 3.28
C LEU A 1 -12.75 6.75 4.57
N GLY A 2 -11.87 5.76 4.55
CA GLY A 2 -11.09 5.43 5.73
C GLY A 2 -9.71 6.05 5.68
N GLN A 3 -8.69 5.21 5.48
CA GLN A 3 -7.31 5.67 5.42
C GLN A 3 -6.53 4.94 4.34
N GLN A 4 -7.14 4.82 3.16
CA GLN A 4 -6.49 4.14 2.04
C GLN A 4 -5.81 5.14 1.11
N GLN A 5 -4.88 4.65 0.29
CA GLN A 5 -4.15 5.49 -0.64
C GLN A 5 -3.24 4.66 -1.53
N PRO A 6 -2.89 5.22 -2.70
CA PRO A 6 -2.02 4.55 -3.67
C PRO A 6 -0.58 4.43 -3.17
N ALA A 7 -0.16 3.20 -2.89
CA ALA A 7 1.20 2.95 -2.41
C ALA A 7 1.97 2.07 -3.37
N PRO A 8 3.31 2.11 -3.27
CA PRO A 8 4.19 1.32 -4.14
C PRO A 8 4.11 -0.18 -3.84
N PRO A 9 4.68 -0.99 -4.74
CA PRO A 9 4.69 -2.45 -4.59
C PRO A 9 5.59 -2.92 -3.45
N GLN A 10 4.97 -3.47 -2.41
CA GLN A 10 5.72 -3.96 -1.26
C GLN A 10 6.69 -5.07 -1.66
N GLN A 11 7.61 -5.39 -0.77
CA GLN A 11 8.60 -6.43 -1.04
C GLN A 11 7.93 -7.74 -1.41
N PRO A 12 8.69 -8.63 -2.06
CA PRO A 12 8.19 -9.94 -2.49
C PRO A 12 7.92 -10.87 -1.32
N TYR A 13 7.47 -12.09 -1.64
CA TYR A 13 7.18 -13.08 -0.60
C TYR A 13 7.45 -14.49 -1.11
N LEU A 1 -10.63 7.19 2.78
CA LEU A 1 -9.30 6.67 2.44
C LEU A 1 -8.61 7.56 1.42
N GLY A 2 -7.30 7.71 1.55
CA GLY A 2 -6.53 8.53 0.62
C GLY A 2 -6.06 7.75 -0.59
N GLN A 3 -4.83 7.27 -0.52
CA GLN A 3 -4.24 6.51 -1.63
C GLN A 3 -4.14 5.04 -1.26
N GLN A 4 -5.28 4.35 -1.26
CA GLN A 4 -5.32 2.93 -0.93
C GLN A 4 -4.74 2.68 0.46
N GLN A 5 -5.49 3.10 1.48
CA GLN A 5 -5.07 2.91 2.87
C GLN A 5 -3.78 3.69 3.14
N PRO A 6 -3.50 3.94 4.43
CA PRO A 6 -2.31 4.68 4.86
C PRO A 6 -1.03 3.87 4.64
N ALA A 7 0.12 4.51 4.91
CA ALA A 7 1.40 3.85 4.74
C ALA A 7 1.65 3.49 3.28
N PRO A 8 2.92 3.26 2.93
CA PRO A 8 3.33 2.89 1.57
C PRO A 8 2.88 1.50 1.19
N PRO A 9 2.97 1.18 -0.11
CA PRO A 9 2.58 -0.13 -0.64
C PRO A 9 3.52 -1.25 -0.20
N GLN A 10 3.13 -2.49 -0.47
CA GLN A 10 3.95 -3.63 -0.11
C GLN A 10 4.26 -4.50 -1.33
N GLN A 11 5.52 -4.92 -1.44
CA GLN A 11 5.94 -5.74 -2.57
C GLN A 11 7.04 -6.73 -2.14
N PRO A 12 6.65 -7.73 -1.34
CA PRO A 12 7.57 -8.75 -0.84
C PRO A 12 8.05 -9.69 -1.95
N TYR A 13 8.87 -10.65 -1.58
CA TYR A 13 9.40 -11.62 -2.53
C TYR A 13 10.26 -10.93 -3.59
N LEU A 1 -12.96 4.95 -0.39
CA LEU A 1 -12.66 3.87 0.55
C LEU A 1 -11.26 3.31 0.30
N GLY A 2 -10.83 2.38 1.15
CA GLY A 2 -9.53 1.78 1.00
C GLY A 2 -8.57 2.19 2.10
N GLN A 3 -8.26 3.48 2.16
CA GLN A 3 -7.35 4.00 3.17
C GLN A 3 -5.95 3.39 3.01
N GLN A 4 -5.06 4.13 2.36
CA GLN A 4 -3.70 3.67 2.16
C GLN A 4 -2.72 4.84 2.12
N GLN A 5 -1.59 4.69 2.81
CA GLN A 5 -0.58 5.73 2.86
C GLN A 5 0.28 5.72 1.60
N PRO A 6 0.95 6.85 1.34
CA PRO A 6 1.82 6.99 0.16
C PRO A 6 3.08 6.14 0.26
N ALA A 7 3.21 5.18 -0.66
CA ALA A 7 4.37 4.29 -0.67
C ALA A 7 4.45 3.52 -1.98
N PRO A 8 5.66 3.00 -2.29
CA PRO A 8 5.89 2.24 -3.52
C PRO A 8 5.19 0.88 -3.49
N PRO A 9 5.15 0.22 -4.66
CA PRO A 9 4.51 -1.09 -4.81
C PRO A 9 5.31 -2.19 -4.11
N GLN A 10 4.98 -2.44 -2.83
CA GLN A 10 5.67 -3.47 -2.07
C GLN A 10 4.77 -4.69 -1.86
N GLN A 11 5.39 -5.86 -1.78
CA GLN A 11 4.65 -7.10 -1.60
C GLN A 11 4.92 -7.70 -0.22
N PRO A 12 4.28 -7.13 0.82
CA PRO A 12 4.43 -7.59 2.20
C PRO A 12 3.80 -8.96 2.42
N TYR A 13 4.58 -10.01 2.19
CA TYR A 13 4.10 -11.38 2.37
C TYR A 13 4.47 -11.90 3.75
#